data_6CHX
#
_entry.id   6CHX
#
_cell.length_a   159.315
_cell.length_b   30.575
_cell.length_c   78.718
_cell.angle_alpha   90.00
_cell.angle_beta   114.69
_cell.angle_gamma   90.00
#
_symmetry.space_group_name_H-M   'C 1 2 1'
#
loop_
_entity.id
_entity.type
_entity.pdbx_description
1 polymer Hemagglutinin
2 water water
#
_entity_poly.entity_id   1
_entity_poly.type   'polypeptide(L)'
_entity_poly.pdbx_seq_one_letter_code
;GAPLQLGNCSVAGWILGNPECELLISRESWSYIVEKPNPENGTCYPGHFADYEELREQLSSVSSFERFEIFPKESSWPNH
TTTGVSASCSHNGESSFYKNLLWLTGKNGLYPNLSKSYANNKEKEVLVLWGVHHPPNIGDQRALYHTENAYVSVVSSHYS
RKFTPEIAKRPKVRDQEGRINYYWTLLEPGDTIIFEANGNLIAPRYAFALSRGFG
;
_entity_poly.pdbx_strand_id   A,B
#
# COMPACT_ATOMS: atom_id res chain seq x y z
N ALA A 2 14.24 1.06 -9.19
CA ALA A 2 15.31 1.97 -8.78
C ALA A 2 15.08 2.52 -7.38
N PRO A 3 16.17 2.76 -6.64
CA PRO A 3 16.03 3.22 -5.25
C PRO A 3 15.83 4.72 -5.15
N LEU A 4 15.23 5.11 -4.03
CA LEU A 4 15.14 6.52 -3.66
C LEU A 4 16.41 6.92 -2.93
N GLN A 5 17.05 7.99 -3.41
CA GLN A 5 18.32 8.50 -2.88
C GLN A 5 18.03 9.69 -2.00
N LEU A 6 18.32 9.58 -0.70
CA LEU A 6 18.05 10.65 0.24
C LEU A 6 19.19 11.64 0.42
N GLY A 7 20.34 11.42 -0.20
CA GLY A 7 21.39 12.42 -0.08
C GLY A 7 21.89 12.50 1.35
N ASN A 8 21.90 13.72 1.90
CA ASN A 8 22.38 13.96 3.26
CA ASN A 8 22.38 13.94 3.26
C ASN A 8 21.27 13.87 4.30
N CYS A 9 20.08 13.38 3.94
CA CYS A 9 18.93 13.37 4.82
C CYS A 9 18.60 11.96 5.32
N SER A 10 18.05 11.88 6.52
CA SER A 10 17.50 10.62 7.01
C SER A 10 16.06 10.46 6.51
N VAL A 11 15.51 9.25 6.68
CA VAL A 11 14.10 9.06 6.36
C VAL A 11 13.25 10.07 7.11
N ALA A 12 13.55 10.28 8.40
CA ALA A 12 12.75 11.23 9.18
C ALA A 12 12.91 12.67 8.66
N GLY A 13 14.15 13.07 8.34
CA GLY A 13 14.36 14.42 7.79
C GLY A 13 13.58 14.64 6.51
N TRP A 14 13.59 13.65 5.63
CA TRP A 14 12.90 13.76 4.34
C TRP A 14 11.37 13.78 4.53
N ILE A 15 10.82 12.82 5.28
CA ILE A 15 9.36 12.69 5.37
C ILE A 15 8.75 13.85 6.19
N LEU A 16 9.47 14.40 7.18
CA LEU A 16 8.97 15.55 7.92
C LEU A 16 9.13 16.85 7.15
N GLY A 17 10.02 16.87 6.16
CA GLY A 17 10.26 18.10 5.45
C GLY A 17 11.26 19.03 6.12
N ASN A 18 12.29 18.49 6.75
CA ASN A 18 13.41 19.32 7.20
C ASN A 18 13.81 20.27 6.07
N PRO A 19 13.91 21.58 6.31
CA PRO A 19 14.11 22.52 5.20
C PRO A 19 15.45 22.34 4.50
N GLU A 20 16.39 21.58 5.05
CA GLU A 20 17.63 21.26 4.35
C GLU A 20 17.48 20.02 3.48
N CYS A 21 16.30 19.42 3.44
CA CYS A 21 16.06 18.23 2.64
C CYS A 21 15.19 18.63 1.47
N GLU A 22 15.75 18.52 0.28
CA GLU A 22 14.96 18.43 -0.95
C GLU A 22 15.68 17.40 -1.79
N LEU A 23 14.94 16.38 -2.23
CA LEU A 23 15.56 15.34 -3.03
C LEU A 23 16.11 15.95 -4.30
N LEU A 24 17.24 15.41 -4.78
CA LEU A 24 17.74 15.79 -6.10
C LEU A 24 16.80 15.30 -7.18
N ILE A 25 16.16 14.15 -6.96
CA ILE A 25 15.26 13.52 -7.93
C ILE A 25 14.07 12.99 -7.14
N SER A 26 12.92 13.67 -7.25
CA SER A 26 11.69 13.29 -6.56
C SER A 26 10.85 12.40 -7.46
N ARG A 27 10.47 11.22 -6.96
CA ARG A 27 9.83 10.21 -7.80
C ARG A 27 8.55 9.70 -7.14
N GLU A 28 7.68 9.12 -7.97
CA GLU A 28 6.43 8.60 -7.44
C GLU A 28 6.48 7.11 -7.13
N SER A 29 7.62 6.45 -7.40
CA SER A 29 7.75 5.03 -7.04
C SER A 29 9.24 4.68 -6.90
N TRP A 30 9.51 3.66 -6.09
CA TRP A 30 10.89 3.25 -5.86
C TRP A 30 10.89 1.88 -5.20
N SER A 31 12.02 1.18 -5.32
CA SER A 31 12.09 -0.18 -4.79
C SER A 31 12.66 -0.27 -3.38
N TYR A 32 13.74 0.46 -3.10
CA TYR A 32 14.43 0.48 -1.82
C TYR A 32 14.86 1.92 -1.57
N ILE A 33 15.21 2.24 -0.32
CA ILE A 33 15.77 3.53 0.04
C ILE A 33 17.26 3.37 0.35
N VAL A 34 18.07 4.30 -0.13
CA VAL A 34 19.48 4.40 0.23
C VAL A 34 19.66 5.58 1.17
N GLU A 35 20.08 5.30 2.40
CA GLU A 35 20.34 6.32 3.42
C GLU A 35 21.78 6.18 3.87
N LYS A 36 22.49 7.31 4.04
CA LYS A 36 23.86 7.24 4.48
C LYS A 36 23.92 6.92 5.98
N PRO A 37 25.08 6.47 6.47
CA PRO A 37 25.13 5.98 7.86
C PRO A 37 24.89 7.04 8.92
N ASN A 38 25.42 8.25 8.74
CA ASN A 38 25.25 9.35 9.70
C ASN A 38 24.70 10.55 8.94
N PRO A 39 23.39 10.56 8.66
CA PRO A 39 22.84 11.67 7.87
C PRO A 39 22.93 12.97 8.63
N GLU A 40 23.31 14.04 7.92
CA GLU A 40 23.46 15.35 8.52
C GLU A 40 22.12 15.98 8.86
N ASN A 41 21.06 15.67 8.12
CA ASN A 41 19.78 16.37 8.24
C ASN A 41 18.67 15.38 8.60
N GLY A 42 18.25 15.41 9.86
CA GLY A 42 17.23 14.50 10.35
C GLY A 42 16.13 15.28 11.04
N THR A 43 15.88 14.95 12.31
CA THR A 43 14.88 15.67 13.10
C THR A 43 15.59 16.89 13.65
N CYS A 44 15.56 17.96 12.84
CA CYS A 44 16.30 19.16 13.22
C CYS A 44 15.81 19.73 14.54
N TYR A 45 14.52 19.62 14.84
CA TYR A 45 14.03 19.89 16.18
C TYR A 45 14.09 18.59 16.94
N PRO A 46 14.94 18.47 17.97
CA PRO A 46 15.19 17.15 18.57
C PRO A 46 13.95 16.50 19.15
N GLY A 47 13.94 15.18 19.11
CA GLY A 47 12.85 14.44 19.73
C GLY A 47 12.77 13.01 19.24
N HIS A 48 11.95 12.23 19.96
CA HIS A 48 11.76 10.81 19.67
C HIS A 48 10.80 10.61 18.49
N PHE A 49 11.18 9.78 17.53
CA PHE A 49 10.34 9.45 16.38
C PHE A 49 9.72 8.06 16.65
N ALA A 50 8.41 8.00 16.86
CA ALA A 50 7.78 6.76 17.34
C ALA A 50 7.66 5.72 16.23
N ASP A 51 7.92 4.46 16.57
CA ASP A 51 7.81 3.33 15.65
C ASP A 51 8.54 3.62 14.32
N TYR A 52 9.77 4.10 14.46
CA TYR A 52 10.50 4.61 13.31
C TYR A 52 10.93 3.49 12.37
N GLU A 53 11.34 2.34 12.92
CA GLU A 53 11.74 1.25 12.04
C GLU A 53 10.58 0.76 11.20
N GLU A 54 9.39 0.68 11.79
CA GLU A 54 8.19 0.32 11.02
C GLU A 54 7.91 1.34 9.90
N LEU A 55 8.11 2.63 10.16
CA LEU A 55 7.89 3.61 9.11
C LEU A 55 8.86 3.42 7.96
N ARG A 56 10.15 3.23 8.27
CA ARG A 56 11.14 2.95 7.24
C ARG A 56 10.73 1.76 6.40
N GLU A 57 10.16 0.73 7.03
CA GLU A 57 9.73 -0.45 6.27
C GLU A 57 8.53 -0.15 5.38
N GLN A 58 7.58 0.64 5.86
CA GLN A 58 6.43 1.02 5.04
C GLN A 58 6.88 1.81 3.82
N LEU A 59 7.89 2.64 3.96
CA LEU A 59 8.36 3.51 2.88
C LEU A 59 9.48 2.88 2.07
N SER A 60 9.89 1.64 2.39
CA SER A 60 11.05 1.04 1.75
C SER A 60 10.77 0.79 0.27
N SER A 61 9.63 0.17 -0.02
CA SER A 61 9.18 -0.05 -1.39
C SER A 61 7.79 0.54 -1.53
N VAL A 62 7.64 1.42 -2.52
CA VAL A 62 6.42 2.18 -2.73
C VAL A 62 6.08 2.20 -4.22
N SER A 63 4.86 1.82 -4.56
CA SER A 63 4.46 1.76 -5.96
C SER A 63 3.76 3.02 -6.43
N SER A 64 3.35 3.90 -5.51
CA SER A 64 2.78 5.18 -5.88
C SER A 64 2.94 6.13 -4.69
N PHE A 65 3.25 7.41 -4.95
CA PHE A 65 3.55 8.34 -3.86
C PHE A 65 3.21 9.77 -4.24
N GLU A 66 2.43 10.45 -3.39
CA GLU A 66 2.08 11.85 -3.66
C GLU A 66 2.02 12.63 -2.35
N ARG A 67 2.81 13.71 -2.27
CA ARG A 67 2.75 14.63 -1.13
C ARG A 67 1.66 15.66 -1.43
N PHE A 68 0.72 15.82 -0.50
CA PHE A 68 -0.40 16.74 -0.71
C PHE A 68 -0.76 17.47 0.58
N GLU A 69 -1.43 18.61 0.43
CA GLU A 69 -1.90 19.40 1.58
C GLU A 69 -3.05 18.70 2.31
N ILE A 70 -2.87 18.50 3.59
CA ILE A 70 -3.96 18.08 4.45
C ILE A 70 -4.33 19.29 5.31
N PHE A 71 -5.62 19.62 5.39
CA PHE A 71 -6.02 20.90 6.03
C PHE A 71 -5.39 22.08 5.28
N PRO A 72 -5.85 22.36 4.06
CA PRO A 72 -5.12 23.25 3.16
C PRO A 72 -5.20 24.71 3.59
N LYS A 73 -4.04 25.36 3.56
CA LYS A 73 -3.88 26.81 3.73
C LYS A 73 -3.91 27.23 5.19
N GLU A 74 -3.38 28.42 5.48
CA GLU A 74 -3.43 28.98 6.83
C GLU A 74 -4.85 29.22 7.30
N SER A 75 -5.80 29.35 6.34
CA SER A 75 -7.21 29.53 6.70
C SER A 75 -7.81 28.32 7.41
N SER A 76 -7.10 27.18 7.45
CA SER A 76 -7.52 26.05 8.27
C SER A 76 -7.33 26.29 9.77
N TRP A 77 -6.49 27.24 10.18
CA TRP A 77 -6.18 27.48 11.60
C TRP A 77 -6.30 28.97 11.92
N PRO A 78 -7.48 29.56 11.73
CA PRO A 78 -7.59 31.04 11.84
C PRO A 78 -7.44 31.59 13.24
N ASN A 79 -7.58 30.76 14.27
CA ASN A 79 -7.59 31.24 15.64
C ASN A 79 -6.36 30.78 16.42
N HIS A 80 -5.32 30.27 15.72
CA HIS A 80 -4.05 29.92 16.31
C HIS A 80 -2.94 30.59 15.52
N THR A 81 -1.80 30.83 16.15
CA THR A 81 -0.64 31.31 15.42
C THR A 81 0.04 30.10 14.80
N THR A 82 0.47 30.26 13.53
CA THR A 82 1.03 29.15 12.77
C THR A 82 2.46 29.40 12.31
N THR A 83 3.06 30.51 12.71
CA THR A 83 4.33 30.90 12.10
C THR A 83 5.54 30.53 12.96
N GLY A 84 5.34 29.77 14.04
CA GLY A 84 6.44 29.30 14.88
C GLY A 84 7.56 28.64 14.09
N VAL A 85 8.80 29.09 14.35
CA VAL A 85 10.02 28.57 13.74
C VAL A 85 11.05 28.38 14.86
N SER A 86 12.16 27.72 14.51
CA SER A 86 13.19 27.41 15.50
C SER A 86 14.58 27.53 14.89
N ALA A 87 15.54 28.06 15.68
CA ALA A 87 16.92 28.09 15.22
C ALA A 87 17.48 26.70 14.98
N SER A 88 16.88 25.67 15.60
CA SER A 88 17.33 24.29 15.38
C SER A 88 17.07 23.81 13.96
N CYS A 89 16.12 24.42 13.24
CA CYS A 89 15.81 24.07 11.87
C CYS A 89 16.09 25.28 10.97
N SER A 90 17.26 25.88 11.12
CA SER A 90 17.59 27.08 10.38
C SER A 90 17.85 26.75 8.90
N HIS A 91 17.52 27.71 8.04
CA HIS A 91 17.78 27.60 6.62
C HIS A 91 18.30 28.94 6.12
N ASN A 92 19.48 28.91 5.49
CA ASN A 92 20.08 30.12 4.93
C ASN A 92 20.22 31.22 5.97
N GLY A 93 20.62 30.82 7.18
CA GLY A 93 20.85 31.78 8.24
C GLY A 93 19.61 32.37 8.85
N GLU A 94 18.50 31.64 8.83
CA GLU A 94 17.28 32.15 9.43
C GLU A 94 16.51 30.98 10.02
N SER A 95 15.91 31.21 11.20
CA SER A 95 15.11 30.17 11.84
C SER A 95 13.98 29.73 10.93
N SER A 96 13.70 28.43 10.93
CA SER A 96 12.68 27.87 10.03
C SER A 96 12.03 26.68 10.72
N PHE A 97 11.37 25.83 9.95
CA PHE A 97 10.63 24.72 10.54
C PHE A 97 10.39 23.70 9.42
N TYR A 98 9.94 22.51 9.82
CA TYR A 98 9.54 21.48 8.87
C TYR A 98 8.51 22.01 7.89
N LYS A 99 8.64 21.56 6.63
CA LYS A 99 7.66 21.93 5.63
C LYS A 99 6.37 21.15 5.77
N ASN A 100 6.39 19.99 6.42
CA ASN A 100 5.21 19.12 6.41
C ASN A 100 4.40 19.14 7.69
N LEU A 101 4.83 19.91 8.69
CA LEU A 101 4.13 20.10 9.97
C LEU A 101 3.98 21.60 10.20
N LEU A 102 3.08 21.96 11.12
N LEU A 102 3.03 21.95 11.08
CA LEU A 102 2.85 23.36 11.45
CA LEU A 102 2.82 23.33 11.50
C LEU A 102 2.75 23.52 12.96
C LEU A 102 2.87 23.41 13.02
N TRP A 103 3.60 24.39 13.54
CA TRP A 103 3.59 24.63 14.98
C TRP A 103 2.42 25.57 15.32
N LEU A 104 1.43 25.07 16.05
CA LEU A 104 0.29 25.88 16.47
C LEU A 104 0.51 26.41 17.88
N THR A 105 0.42 27.73 18.05
CA THR A 105 0.59 28.36 19.36
C THR A 105 -0.52 29.41 19.57
N GLY A 106 -0.48 30.07 20.74
CA GLY A 106 -1.53 31.03 21.06
C GLY A 106 -1.58 32.20 20.10
N LYS A 107 -2.77 32.80 20.01
CA LYS A 107 -2.97 33.99 19.18
C LYS A 107 -3.85 34.97 19.95
N ASN A 108 -3.44 36.24 19.99
CA ASN A 108 -4.24 37.31 20.60
C ASN A 108 -4.46 37.10 22.09
N GLY A 109 -3.54 36.41 22.77
CA GLY A 109 -3.66 36.10 24.17
C GLY A 109 -4.40 34.82 24.51
N LEU A 110 -4.80 34.01 23.51
CA LEU A 110 -5.68 32.85 23.70
C LEU A 110 -5.10 31.61 23.01
N TYR A 111 -5.35 30.44 23.58
CA TYR A 111 -5.24 29.19 22.82
C TYR A 111 -6.60 28.49 22.86
N PRO A 112 -7.41 28.61 21.82
CA PRO A 112 -8.72 27.94 21.78
C PRO A 112 -8.61 26.43 21.63
N ASN A 113 -9.57 25.70 22.20
CA ASN A 113 -9.77 24.30 21.79
C ASN A 113 -9.83 24.23 20.27
N LEU A 114 -9.20 23.21 19.69
CA LEU A 114 -9.31 22.98 18.25
C LEU A 114 -9.85 21.58 17.98
N SER A 115 -10.52 21.42 16.83
N SER A 115 -10.56 21.46 16.87
CA SER A 115 -11.10 20.13 16.45
CA SER A 115 -11.08 20.18 16.41
C SER A 115 -11.17 20.09 14.93
C SER A 115 -11.00 20.24 14.90
N LYS A 116 -10.33 19.28 14.30
CA LYS A 116 -10.20 19.27 12.84
C LYS A 116 -10.19 17.84 12.29
N SER A 117 -10.95 17.61 11.22
CA SER A 117 -11.05 16.29 10.63
C SER A 117 -10.57 16.27 9.17
N TYR A 118 -9.94 15.16 8.77
CA TYR A 118 -9.60 14.89 7.38
C TYR A 118 -10.19 13.55 6.96
N ALA A 119 -11.01 13.56 5.89
CA ALA A 119 -11.57 12.36 5.28
C ALA A 119 -10.73 11.93 4.09
N ASN A 120 -10.27 10.68 4.11
CA ASN A 120 -9.50 10.16 2.97
C ASN A 120 -10.45 9.78 1.84
N ASN A 121 -10.63 10.70 0.88
CA ASN A 121 -11.49 10.50 -0.29
C ASN A 121 -10.68 10.03 -1.49
N LYS A 122 -9.49 9.50 -1.25
CA LYS A 122 -8.69 8.89 -2.31
C LYS A 122 -8.88 7.38 -2.27
N GLU A 123 -8.39 6.71 -3.30
CA GLU A 123 -8.43 5.25 -3.34
C GLU A 123 -7.13 4.62 -2.86
N LYS A 124 -6.25 5.41 -2.24
CA LYS A 124 -4.98 4.95 -1.70
C LYS A 124 -4.92 5.31 -0.24
N GLU A 125 -4.16 4.54 0.56
CA GLU A 125 -4.03 4.94 1.96
C GLU A 125 -3.21 6.23 2.04
N VAL A 126 -3.40 6.94 3.16
CA VAL A 126 -2.73 8.23 3.41
C VAL A 126 -1.91 8.14 4.70
N LEU A 127 -0.62 8.45 4.58
CA LEU A 127 0.29 8.52 5.73
C LEU A 127 0.16 9.92 6.33
N VAL A 128 -0.31 9.99 7.58
CA VAL A 128 -0.45 11.25 8.32
C VAL A 128 0.60 11.29 9.42
N LEU A 129 1.37 12.38 9.49
CA LEU A 129 2.36 12.60 10.55
C LEU A 129 2.01 13.85 11.36
N TRP A 130 2.34 13.81 12.67
CA TRP A 130 2.13 14.96 13.55
C TRP A 130 3.17 14.90 14.66
N GLY A 131 3.18 15.96 15.49
CA GLY A 131 4.08 15.99 16.62
C GLY A 131 3.35 16.42 17.89
N VAL A 132 3.98 16.08 19.01
CA VAL A 132 3.51 16.52 20.34
C VAL A 132 4.70 17.16 21.03
N HIS A 133 4.55 18.44 21.40
CA HIS A 133 5.64 19.21 22.00
C HIS A 133 5.75 19.00 23.51
N HIS A 134 6.98 18.77 23.98
CA HIS A 134 7.29 18.69 25.42
C HIS A 134 8.23 19.83 25.74
N PRO A 135 7.73 20.96 26.24
CA PRO A 135 8.61 22.07 26.60
C PRO A 135 9.52 21.72 27.76
N PRO A 136 10.60 22.49 27.96
CA PRO A 136 11.55 22.19 29.05
C PRO A 136 11.13 22.73 30.42
N ASN A 137 10.16 23.62 30.51
CA ASN A 137 9.79 24.20 31.80
C ASN A 137 8.37 24.75 31.72
N ILE A 138 7.83 25.05 32.92
CA ILE A 138 6.47 25.59 33.06
C ILE A 138 6.29 26.91 32.31
N GLY A 139 7.28 27.80 32.41
CA GLY A 139 7.16 29.10 31.76
C GLY A 139 6.95 28.98 30.25
N ASP A 140 7.68 28.05 29.61
CA ASP A 140 7.56 27.89 28.15
C ASP A 140 6.22 27.26 27.78
N GLN A 141 5.80 26.27 28.55
CA GLN A 141 4.48 25.65 28.36
C GLN A 141 3.36 26.68 28.43
N ARG A 142 3.38 27.53 29.48
CA ARG A 142 2.33 28.53 29.63
C ARG A 142 2.42 29.59 28.53
N ALA A 143 3.65 30.01 28.17
CA ALA A 143 3.80 31.05 27.16
C ALA A 143 3.21 30.62 25.81
N LEU A 144 3.42 29.37 25.42
CA LEU A 144 2.99 28.94 24.08
C LEU A 144 1.52 28.54 24.07
N TYR A 145 1.05 27.92 25.16
CA TYR A 145 -0.23 27.21 25.11
C TYR A 145 -1.25 27.70 26.14
N HIS A 146 -0.83 28.55 27.08
CA HIS A 146 -1.74 29.22 28.02
C HIS A 146 -2.43 28.24 28.96
N THR A 147 -1.76 27.13 29.26
CA THR A 147 -2.25 26.14 30.21
C THR A 147 -1.10 25.23 30.58
N GLU A 148 -1.20 24.61 31.75
CA GLU A 148 -0.37 23.47 32.13
C GLU A 148 -1.14 22.15 32.03
N ASN A 149 -2.41 22.20 31.63
CA ASN A 149 -3.28 21.02 31.53
C ASN A 149 -3.71 20.84 30.06
N ALA A 150 -2.74 20.50 29.21
CA ALA A 150 -3.00 20.33 27.78
C ALA A 150 -3.12 18.85 27.43
N TYR A 151 -4.04 18.58 26.51
CA TYR A 151 -4.32 17.24 26.02
C TYR A 151 -4.38 17.27 24.48
N VAL A 152 -3.94 16.15 23.85
CA VAL A 152 -4.05 15.97 22.41
C VAL A 152 -4.72 14.63 22.15
N SER A 153 -5.72 14.61 21.27
CA SER A 153 -6.46 13.39 20.93
C SER A 153 -6.40 13.21 19.41
N VAL A 154 -6.08 11.98 18.97
CA VAL A 154 -6.06 11.66 17.53
C VAL A 154 -6.88 10.38 17.35
N VAL A 155 -7.98 10.45 16.58
CA VAL A 155 -8.92 9.32 16.50
C VAL A 155 -9.27 9.05 15.03
N SER A 156 -9.19 7.77 14.63
CA SER A 156 -9.70 7.25 13.36
C SER A 156 -10.37 5.91 13.62
N SER A 157 -10.62 5.12 12.55
N SER A 157 -10.62 5.13 12.56
CA SER A 157 -11.35 3.87 12.71
CA SER A 157 -11.37 3.90 12.74
C SER A 157 -10.51 2.80 13.40
C SER A 157 -10.52 2.76 13.32
N HIS A 158 -9.21 2.76 13.10
CA HIS A 158 -8.32 1.73 13.61
C HIS A 158 -7.21 2.31 14.46
N TYR A 159 -7.28 3.59 14.78
CA TYR A 159 -6.25 4.24 15.59
C TYR A 159 -6.91 5.22 16.54
N SER A 160 -6.56 5.13 17.82
N SER A 160 -6.51 5.21 17.81
CA SER A 160 -6.96 6.15 18.79
CA SER A 160 -6.98 6.26 18.71
C SER A 160 -5.81 6.34 19.75
C SER A 160 -6.00 6.39 19.85
N ARG A 161 -5.45 7.59 20.04
CA ARG A 161 -4.47 7.83 21.09
C ARG A 161 -4.73 9.19 21.73
N LYS A 162 -4.74 9.20 23.06
CA LYS A 162 -4.80 10.42 23.85
C LYS A 162 -3.42 10.67 24.43
N PHE A 163 -2.86 11.84 24.17
CA PHE A 163 -1.58 12.27 24.71
C PHE A 163 -1.79 13.30 25.83
N THR A 164 -1.01 13.18 26.91
CA THR A 164 -1.06 14.12 28.04
C THR A 164 0.37 14.60 28.25
N PRO A 165 0.87 15.48 27.38
CA PRO A 165 2.30 15.78 27.34
C PRO A 165 2.80 16.47 28.61
N GLU A 166 3.95 16.01 29.06
CA GLU A 166 4.60 16.48 30.26
C GLU A 166 5.85 17.30 29.92
N ILE A 167 6.14 18.27 30.78
CA ILE A 167 7.37 19.05 30.68
C ILE A 167 8.56 18.18 31.05
N ALA A 168 9.71 18.41 30.38
CA ALA A 168 10.97 17.76 30.75
C ALA A 168 12.13 18.58 30.21
N LYS A 169 13.06 18.97 31.08
CA LYS A 169 14.25 19.72 30.69
C LYS A 169 15.31 18.70 30.25
N ARG A 170 15.66 18.73 28.96
CA ARG A 170 16.57 17.77 28.35
C ARG A 170 17.89 18.46 27.99
N PRO A 171 18.95 17.70 27.69
CA PRO A 171 20.22 18.31 27.30
C PRO A 171 20.03 19.19 26.07
N LYS A 172 20.73 20.30 26.03
CA LYS A 172 20.60 21.25 24.92
C LYS A 172 21.17 20.63 23.65
N VAL A 173 20.33 20.45 22.64
CA VAL A 173 20.66 19.86 21.34
C VAL A 173 20.16 20.85 20.29
N ARG A 174 21.08 21.37 19.47
CA ARG A 174 20.74 22.40 18.48
C ARG A 174 19.97 23.55 19.13
N ASP A 175 20.44 23.94 20.32
CA ASP A 175 19.94 25.05 21.14
C ASP A 175 18.64 24.73 21.90
N GLN A 176 18.11 23.51 21.81
CA GLN A 176 16.82 23.19 22.38
C GLN A 176 16.97 22.28 23.60
N GLU A 177 16.31 22.70 24.70
CA GLU A 177 16.17 21.85 25.87
C GLU A 177 14.82 21.15 25.92
N GLY A 178 13.84 21.56 25.10
CA GLY A 178 12.63 20.78 24.89
C GLY A 178 12.76 19.82 23.73
N ARG A 179 11.65 19.16 23.42
CA ARG A 179 11.65 18.10 22.40
C ARG A 179 10.28 18.06 21.74
N ILE A 180 10.22 17.64 20.48
CA ILE A 180 8.97 17.30 19.83
C ILE A 180 9.00 15.79 19.57
N ASN A 181 7.99 15.07 20.04
CA ASN A 181 7.89 13.65 19.71
C ASN A 181 7.06 13.50 18.44
N TYR A 182 7.51 12.64 17.51
CA TYR A 182 6.89 12.50 16.20
C TYR A 182 6.09 11.20 16.13
N TYR A 183 4.93 11.28 15.48
CA TYR A 183 3.97 10.17 15.42
C TYR A 183 3.42 10.06 14.00
N TRP A 184 2.88 8.88 13.67
CA TRP A 184 2.31 8.69 12.34
C TRP A 184 1.28 7.56 12.37
N THR A 185 0.39 7.58 11.39
CA THR A 185 -0.54 6.47 11.17
C THR A 185 -0.96 6.43 9.70
N LEU A 186 -1.47 5.27 9.27
CA LEU A 186 -1.94 5.05 7.92
C LEU A 186 -3.46 5.04 7.92
N LEU A 187 -4.04 5.95 7.17
CA LEU A 187 -5.49 6.16 7.10
C LEU A 187 -6.05 5.48 5.86
N GLU A 188 -6.91 4.49 6.07
CA GLU A 188 -7.44 3.70 4.96
C GLU A 188 -8.37 4.56 4.08
N PRO A 189 -8.46 4.27 2.79
CA PRO A 189 -9.44 4.98 1.93
C PRO A 189 -10.83 4.95 2.53
N GLY A 190 -11.47 6.12 2.58
CA GLY A 190 -12.81 6.24 3.16
C GLY A 190 -12.85 6.53 4.66
N ASP A 191 -11.73 6.39 5.37
CA ASP A 191 -11.73 6.66 6.81
C ASP A 191 -11.41 8.14 7.08
N THR A 192 -11.75 8.59 8.29
CA THR A 192 -11.60 9.99 8.71
C THR A 192 -10.78 10.03 9.98
N ILE A 193 -9.79 10.92 10.01
CA ILE A 193 -8.96 11.15 11.20
C ILE A 193 -9.35 12.49 11.84
N ILE A 194 -9.46 12.50 13.17
CA ILE A 194 -9.92 13.67 13.94
C ILE A 194 -8.84 14.05 14.95
N PHE A 195 -8.36 15.30 14.87
CA PHE A 195 -7.45 15.89 15.86
C PHE A 195 -8.23 16.84 16.76
N GLU A 196 -8.08 16.65 18.07
CA GLU A 196 -8.62 17.61 19.03
C GLU A 196 -7.55 17.95 20.05
N ALA A 197 -7.38 19.23 20.38
CA ALA A 197 -6.30 19.57 21.31
C ALA A 197 -6.57 20.91 21.98
N ASN A 198 -5.92 21.10 23.15
CA ASN A 198 -5.89 22.41 23.81
C ASN A 198 -4.46 22.81 24.14
N GLY A 199 -3.50 22.31 23.36
CA GLY A 199 -2.11 22.74 23.38
C GLY A 199 -1.21 21.64 22.86
N ASN A 200 0.03 22.02 22.57
CA ASN A 200 1.14 21.08 22.38
C ASN A 200 1.09 20.27 21.08
N LEU A 201 0.18 20.58 20.17
CA LEU A 201 0.06 19.84 18.93
C LEU A 201 0.89 20.53 17.85
N ILE A 202 1.76 19.74 17.21
CA ILE A 202 2.43 20.15 15.97
C ILE A 202 1.62 19.48 14.87
N ALA A 203 0.77 20.27 14.20
CA ALA A 203 -0.28 19.73 13.35
C ALA A 203 0.27 19.25 11.99
N PRO A 204 -0.39 18.26 11.39
CA PRO A 204 -0.09 17.91 9.99
C PRO A 204 -0.27 19.13 9.10
N ARG A 205 0.63 19.30 8.13
CA ARG A 205 0.49 20.27 7.06
C ARG A 205 0.48 19.59 5.70
N TYR A 206 1.43 18.66 5.45
CA TYR A 206 1.37 17.82 4.27
C TYR A 206 1.35 16.37 4.71
N ALA A 207 0.59 15.56 3.97
CA ALA A 207 0.46 14.12 4.18
C ALA A 207 0.81 13.43 2.85
N PHE A 208 0.76 12.09 2.82
CA PHE A 208 1.26 11.39 1.64
C PHE A 208 0.31 10.27 1.25
N ALA A 209 -0.20 10.32 0.03
CA ALA A 209 -0.99 9.22 -0.51
C ALA A 209 -0.04 8.21 -1.13
N LEU A 210 -0.24 6.93 -0.79
CA LEU A 210 0.73 5.96 -1.30
C LEU A 210 0.08 4.61 -1.49
N SER A 211 0.72 3.81 -2.36
CA SER A 211 0.39 2.39 -2.53
C SER A 211 1.68 1.60 -2.37
N ARG A 212 1.54 0.36 -1.88
CA ARG A 212 2.66 -0.57 -1.73
C ARG A 212 2.27 -1.92 -2.34
N GLY A 213 3.22 -2.53 -3.06
CA GLY A 213 3.01 -3.79 -3.74
C GLY A 213 1.89 -3.78 -4.77
N PHE A 214 1.47 -2.59 -5.20
CA PHE A 214 0.27 -2.42 -6.01
C PHE A 214 0.42 -1.11 -6.76
N GLY A 215 0.42 -1.16 -8.08
CA GLY A 215 0.63 0.02 -8.91
C GLY A 215 1.58 -0.14 -10.08
N PRO B 3 5.36 -28.64 -32.44
CA PRO B 3 5.91 -28.15 -31.17
C PRO B 3 5.47 -26.73 -30.81
N LEU B 4 4.98 -26.57 -29.59
CA LEU B 4 4.80 -25.26 -29.00
C LEU B 4 6.12 -24.90 -28.32
N GLN B 5 6.81 -23.88 -28.83
CA GLN B 5 8.08 -23.44 -28.27
C GLN B 5 7.78 -22.33 -27.28
N LEU B 6 7.99 -22.60 -25.99
CA LEU B 6 7.72 -21.58 -24.97
C LEU B 6 8.82 -20.53 -24.87
N GLY B 7 9.99 -20.74 -25.46
CA GLY B 7 10.99 -19.68 -25.41
C GLY B 7 11.54 -19.52 -24.01
N ASN B 8 11.50 -18.28 -23.52
N ASN B 8 11.51 -18.29 -23.51
CA ASN B 8 11.98 -17.97 -22.17
CA ASN B 8 11.98 -17.99 -22.16
C ASN B 8 10.84 -17.91 -21.16
C ASN B 8 10.86 -17.96 -21.13
N CYS B 9 9.71 -18.54 -21.45
CA CYS B 9 8.55 -18.56 -20.57
C CYS B 9 8.36 -19.94 -19.99
N SER B 10 7.91 -19.97 -18.74
CA SER B 10 7.51 -21.22 -18.13
C SER B 10 6.07 -21.52 -18.52
N VAL B 11 5.66 -22.77 -18.28
CA VAL B 11 4.23 -23.09 -18.39
C VAL B 11 3.38 -22.09 -17.59
N ALA B 12 3.80 -21.74 -16.36
CA ALA B 12 3.04 -20.79 -15.56
C ALA B 12 2.95 -19.42 -16.24
N GLY B 13 4.08 -18.91 -16.73
CA GLY B 13 4.05 -17.60 -17.38
C GLY B 13 3.17 -17.58 -18.62
N TRP B 14 3.24 -18.64 -19.42
CA TRP B 14 2.37 -18.78 -20.59
C TRP B 14 0.89 -18.85 -20.19
N ILE B 15 0.54 -19.77 -19.28
CA ILE B 15 -0.88 -20.02 -18.98
C ILE B 15 -1.52 -18.87 -18.21
N LEU B 16 -0.77 -18.13 -17.38
CA LEU B 16 -1.34 -16.99 -16.70
C LEU B 16 -1.33 -15.73 -17.56
N GLY B 17 -0.54 -15.72 -18.63
CA GLY B 17 -0.42 -14.54 -19.45
C GLY B 17 0.53 -13.48 -18.93
N ASN B 18 1.66 -13.89 -18.35
CA ASN B 18 2.74 -12.96 -18.06
C ASN B 18 2.90 -12.08 -19.31
N PRO B 19 2.92 -10.75 -19.16
CA PRO B 19 2.94 -9.89 -20.36
C PRO B 19 4.22 -10.00 -21.16
N GLU B 20 5.26 -10.61 -20.63
CA GLU B 20 6.43 -10.91 -21.45
C GLU B 20 6.26 -12.14 -22.32
N CYS B 21 5.16 -12.89 -22.20
CA CYS B 21 4.87 -14.09 -22.95
C CYS B 21 3.71 -13.91 -23.92
N GLU B 22 3.35 -12.67 -24.27
CA GLU B 22 2.06 -12.47 -24.92
C GLU B 22 2.04 -12.83 -26.40
N LEU B 23 3.14 -13.39 -26.93
CA LEU B 23 3.17 -13.72 -28.35
C LEU B 23 3.38 -15.21 -28.61
N GLU B 28 -2.95 -25.06 -31.54
CA GLU B 28 -4.11 -25.52 -30.79
C GLU B 28 -3.88 -26.95 -30.37
N SER B 29 -2.89 -27.58 -31.01
CA SER B 29 -2.54 -28.96 -30.74
C SER B 29 -1.03 -29.07 -30.61
N TRP B 30 -0.59 -30.07 -29.84
CA TRP B 30 0.82 -30.35 -29.65
C TRP B 30 1.05 -31.66 -28.89
N ILE B 33 5.20 -29.87 -26.25
CA ILE B 33 5.68 -28.63 -25.60
C ILE B 33 7.18 -28.62 -25.32
N VAL B 34 7.86 -27.62 -25.87
CA VAL B 34 9.30 -27.48 -25.71
C VAL B 34 9.55 -26.34 -24.74
N GLU B 35 10.26 -26.63 -23.65
N GLU B 35 10.25 -26.62 -23.66
CA GLU B 35 10.52 -25.64 -22.61
CA GLU B 35 10.53 -25.62 -22.64
C GLU B 35 11.98 -25.77 -22.18
C GLU B 35 11.97 -25.75 -22.17
N LYS B 36 12.52 -24.67 -21.68
CA LYS B 36 13.88 -24.71 -21.18
C LYS B 36 13.87 -25.16 -19.73
N PRO B 37 15.00 -25.69 -19.22
CA PRO B 37 15.02 -26.12 -17.81
C PRO B 37 14.81 -24.98 -16.83
N ASN B 38 15.30 -23.77 -17.13
CA ASN B 38 15.29 -22.64 -16.19
C ASN B 38 14.66 -21.42 -16.83
N PRO B 39 13.35 -21.45 -17.12
CA PRO B 39 12.72 -20.28 -17.76
C PRO B 39 12.65 -19.10 -16.83
N GLU B 40 12.73 -17.89 -17.42
CA GLU B 40 12.86 -16.67 -16.65
C GLU B 40 11.58 -15.83 -16.54
N ASN B 41 10.61 -16.03 -17.41
CA ASN B 41 9.33 -15.33 -17.32
C ASN B 41 8.29 -16.35 -16.87
N GLY B 42 7.93 -16.26 -15.60
CA GLY B 42 6.98 -17.19 -15.01
C GLY B 42 5.95 -16.43 -14.21
N THR B 43 5.97 -16.62 -12.88
CA THR B 43 5.08 -15.86 -12.02
C THR B 43 5.75 -14.54 -11.68
N CYS B 44 5.51 -13.54 -12.52
CA CYS B 44 6.17 -12.24 -12.34
C CYS B 44 5.80 -11.59 -11.01
N TYR B 45 4.57 -11.82 -10.52
CA TYR B 45 4.25 -11.47 -9.13
C TYR B 45 4.47 -12.73 -8.31
N PRO B 46 5.40 -12.72 -7.36
CA PRO B 46 5.78 -13.97 -6.68
C PRO B 46 4.63 -14.64 -5.94
N GLY B 47 4.70 -15.97 -5.89
CA GLY B 47 3.70 -16.76 -5.23
C GLY B 47 3.80 -18.22 -5.63
N HIS B 48 3.07 -19.05 -4.90
CA HIS B 48 3.08 -20.48 -5.15
C HIS B 48 2.02 -20.84 -6.20
N PHE B 49 2.40 -21.65 -7.17
CA PHE B 49 1.47 -22.15 -8.20
C PHE B 49 1.00 -23.54 -7.78
N ALA B 50 -0.30 -23.65 -7.46
CA ALA B 50 -0.82 -24.92 -6.94
C ALA B 50 -0.83 -26.01 -7.99
N ASP B 51 -0.51 -27.25 -7.56
CA ASP B 51 -0.66 -28.44 -8.41
C ASP B 51 0.02 -28.23 -9.76
N TYR B 52 1.22 -27.65 -9.72
CA TYR B 52 1.89 -27.25 -10.95
C TYR B 52 2.29 -28.45 -11.81
N GLU B 53 2.88 -29.48 -11.20
CA GLU B 53 3.25 -30.67 -11.97
C GLU B 53 2.02 -31.34 -12.55
N GLU B 54 0.91 -31.33 -11.82
N GLU B 54 0.90 -31.34 -11.81
CA GLU B 54 -0.31 -31.93 -12.34
CA GLU B 54 -0.32 -31.93 -12.33
C GLU B 54 -0.81 -31.19 -13.57
C GLU B 54 -0.81 -31.19 -13.57
N LEU B 55 -0.79 -29.85 -13.53
CA LEU B 55 -1.22 -29.06 -14.67
C LEU B 55 -0.31 -29.31 -15.86
N ARG B 56 1.00 -29.33 -15.63
CA ARG B 56 1.94 -29.62 -16.72
C ARG B 56 1.64 -30.97 -17.36
N GLU B 57 1.30 -31.98 -16.54
CA GLU B 57 0.98 -33.29 -17.10
C GLU B 57 -0.31 -33.24 -17.92
N GLN B 58 -1.31 -32.49 -17.44
CA GLN B 58 -2.57 -32.37 -18.17
C GLN B 58 -2.35 -31.74 -19.54
N LEU B 59 -1.52 -30.68 -19.60
CA LEU B 59 -1.29 -29.90 -20.80
C LEU B 59 -0.18 -30.47 -21.68
N SER B 60 0.40 -31.62 -21.33
N SER B 60 0.40 -31.62 -21.34
CA SER B 60 1.54 -32.13 -22.09
CA SER B 60 1.56 -32.11 -22.10
C SER B 60 1.14 -32.46 -23.52
C SER B 60 1.15 -32.48 -23.52
N SER B 61 0.01 -33.14 -23.68
CA SER B 61 -0.57 -33.41 -24.98
C SER B 61 -1.98 -32.85 -24.98
N VAL B 62 -2.29 -32.03 -25.98
CA VAL B 62 -3.56 -31.31 -26.01
C VAL B 62 -4.01 -31.22 -27.45
N SER B 63 -5.32 -31.29 -27.69
CA SER B 63 -5.87 -30.86 -28.97
C SER B 63 -6.97 -29.82 -28.79
N SER B 64 -7.03 -28.88 -29.75
CA SER B 64 -8.11 -27.91 -29.86
C SER B 64 -8.17 -26.93 -28.68
N PHE B 65 -7.01 -26.43 -28.24
CA PHE B 65 -6.88 -25.48 -27.15
C PHE B 65 -7.34 -24.08 -27.58
N GLU B 66 -8.21 -23.42 -26.78
CA GLU B 66 -8.95 -22.20 -27.15
C GLU B 66 -8.95 -21.21 -25.98
N ARG B 67 -8.28 -20.06 -26.12
CA ARG B 67 -8.35 -19.01 -25.09
C ARG B 67 -9.57 -18.10 -25.35
N PHE B 68 -10.39 -17.87 -24.33
CA PHE B 68 -11.60 -17.05 -24.45
C PHE B 68 -11.84 -16.27 -23.17
N GLU B 69 -12.58 -15.17 -23.29
CA GLU B 69 -12.83 -14.25 -22.17
C GLU B 69 -13.99 -14.77 -21.31
N ILE B 70 -13.65 -15.39 -20.19
CA ILE B 70 -14.68 -16.02 -19.36
C ILE B 70 -15.49 -14.98 -18.59
N PHE B 71 -14.84 -13.94 -18.03
CA PHE B 71 -15.55 -12.83 -17.37
C PHE B 71 -15.10 -11.53 -18.05
N PRO B 72 -15.86 -11.00 -19.03
CA PRO B 72 -15.44 -9.75 -19.68
C PRO B 72 -15.22 -8.61 -18.68
N LYS B 73 -14.07 -7.94 -18.80
CA LYS B 73 -13.65 -6.96 -17.80
C LYS B 73 -14.69 -5.85 -17.61
N GLU B 74 -15.27 -5.35 -18.69
CA GLU B 74 -16.04 -4.12 -18.53
C GLU B 74 -17.53 -4.35 -18.32
N SER B 75 -17.97 -5.61 -18.14
CA SER B 75 -19.35 -5.89 -17.76
C SER B 75 -19.46 -6.76 -16.52
N SER B 76 -18.35 -7.28 -15.99
CA SER B 76 -18.41 -8.27 -14.93
C SER B 76 -18.25 -7.70 -13.52
N TRP B 77 -17.64 -6.50 -13.36
CA TRP B 77 -17.19 -6.02 -12.04
C TRP B 77 -17.53 -4.55 -11.85
N PRO B 78 -18.82 -4.19 -11.92
CA PRO B 78 -19.18 -2.76 -11.83
C PRO B 78 -18.85 -2.14 -10.49
N ASN B 79 -18.66 -2.94 -9.44
CA ASN B 79 -18.57 -2.42 -8.08
C ASN B 79 -17.16 -2.47 -7.52
N HIS B 80 -16.17 -2.86 -8.31
CA HIS B 80 -14.80 -2.98 -7.85
C HIS B 80 -13.87 -2.27 -8.81
N THR B 81 -12.71 -1.87 -8.30
CA THR B 81 -11.65 -1.34 -9.16
C THR B 81 -10.94 -2.53 -9.82
N THR B 82 -10.65 -2.39 -11.13
CA THR B 82 -10.07 -3.46 -11.94
C THR B 82 -8.68 -3.13 -12.47
N THR B 83 -8.10 -1.99 -12.09
CA THR B 83 -6.93 -1.44 -12.77
C THR B 83 -5.60 -1.90 -12.17
N GLY B 84 -5.63 -2.71 -11.11
CA GLY B 84 -4.41 -3.13 -10.45
C GLY B 84 -3.33 -3.73 -11.32
N VAL B 85 -2.12 -3.19 -11.25
CA VAL B 85 -0.96 -3.64 -12.01
C VAL B 85 0.24 -3.68 -11.07
N SER B 86 1.39 -4.10 -11.58
CA SER B 86 2.57 -4.19 -10.73
C SER B 86 3.83 -3.96 -11.57
N ALA B 87 4.80 -3.24 -10.98
CA ALA B 87 6.09 -3.09 -11.64
C ALA B 87 6.84 -4.41 -11.76
N SER B 88 6.48 -5.42 -10.96
N SER B 88 6.48 -5.42 -10.96
CA SER B 88 7.08 -6.75 -11.10
CA SER B 88 7.08 -6.74 -11.09
C SER B 88 6.61 -7.47 -12.35
C SER B 88 6.61 -7.46 -12.34
N CYS B 89 5.52 -6.98 -12.96
CA CYS B 89 5.02 -7.54 -14.19
C CYS B 89 5.00 -6.43 -15.23
N SER B 90 6.13 -5.77 -15.42
N SER B 90 6.13 -5.78 -15.42
CA SER B 90 6.22 -4.63 -16.31
CA SER B 90 6.24 -4.65 -16.32
C SER B 90 6.23 -5.07 -17.77
C SER B 90 6.18 -5.09 -17.79
N HIS B 91 5.86 -4.14 -18.64
CA HIS B 91 5.85 -4.39 -20.08
C HIS B 91 6.01 -3.04 -20.77
N ASN B 92 6.99 -2.94 -21.66
CA ASN B 92 7.30 -1.67 -22.32
C ASN B 92 7.47 -0.54 -21.31
N GLY B 93 8.28 -0.81 -20.28
CA GLY B 93 8.64 0.21 -19.32
C GLY B 93 7.52 0.75 -18.45
N GLU B 94 6.38 0.06 -18.37
CA GLU B 94 5.31 0.46 -17.48
C GLU B 94 4.80 -0.75 -16.71
N SER B 95 4.20 -0.49 -15.56
CA SER B 95 3.62 -1.57 -14.76
C SER B 95 2.46 -2.22 -15.50
N SER B 96 2.32 -3.53 -15.37
CA SER B 96 1.28 -4.27 -16.07
C SER B 96 0.88 -5.47 -15.22
N PHE B 97 0.20 -6.44 -15.82
CA PHE B 97 -0.33 -7.57 -15.07
C PHE B 97 -0.57 -8.72 -16.03
N TYR B 98 -0.74 -9.92 -15.47
CA TYR B 98 -1.17 -11.09 -16.22
C TYR B 98 -2.36 -10.75 -17.11
N LYS B 99 -2.29 -11.18 -18.38
CA LYS B 99 -3.37 -10.91 -19.30
C LYS B 99 -4.62 -11.72 -18.98
N ASN B 100 -4.48 -12.85 -18.30
CA ASN B 100 -5.60 -13.76 -18.11
C ASN B 100 -6.29 -13.63 -16.76
N LEU B 101 -5.78 -12.78 -15.85
CA LEU B 101 -6.37 -12.53 -14.54
C LEU B 101 -6.67 -11.05 -14.37
N LEU B 102 -7.49 -10.72 -13.37
CA LEU B 102 -7.85 -9.32 -13.10
C LEU B 102 -7.81 -9.06 -11.59
N TRP B 103 -7.04 -8.04 -11.17
CA TRP B 103 -6.94 -7.73 -9.76
C TRP B 103 -8.13 -6.86 -9.35
N LEU B 104 -8.94 -7.33 -8.42
CA LEU B 104 -10.11 -6.57 -7.95
C LEU B 104 -9.83 -5.94 -6.58
N THR B 105 -10.02 -4.62 -6.49
CA THR B 105 -9.74 -3.91 -5.24
C THR B 105 -10.88 -2.93 -4.97
N GLY B 106 -10.75 -2.16 -3.88
CA GLY B 106 -11.83 -1.30 -3.44
C GLY B 106 -12.10 -0.16 -4.41
N LYS B 107 -13.33 0.36 -4.34
CA LYS B 107 -13.80 1.42 -5.23
C LYS B 107 -14.70 2.33 -4.40
N ASN B 108 -14.53 3.64 -4.54
CA ASN B 108 -15.27 4.63 -3.71
C ASN B 108 -15.10 4.38 -2.22
N GLY B 109 -13.94 3.86 -1.84
CA GLY B 109 -13.63 3.60 -0.46
C GLY B 109 -14.26 2.35 0.12
N LEU B 110 -14.84 1.48 -0.72
CA LEU B 110 -15.62 0.32 -0.30
C LEU B 110 -15.10 -0.93 -1.00
N TYR B 111 -15.25 -2.09 -0.37
CA TYR B 111 -15.09 -3.38 -1.04
C TYR B 111 -16.38 -4.16 -0.83
N PRO B 112 -17.28 -4.19 -1.81
CA PRO B 112 -18.53 -4.94 -1.68
C PRO B 112 -18.29 -6.44 -1.81
N ASN B 113 -19.20 -7.23 -1.23
CA ASN B 113 -19.20 -8.66 -1.56
C ASN B 113 -19.24 -8.86 -3.07
N LEU B 114 -18.44 -9.80 -3.54
CA LEU B 114 -18.54 -10.23 -4.94
C LEU B 114 -19.02 -11.66 -5.05
N SER B 115 -19.83 -11.91 -6.06
CA SER B 115 -20.35 -13.25 -6.33
C SER B 115 -20.55 -13.35 -7.83
N LYS B 116 -19.82 -14.25 -8.48
CA LYS B 116 -19.88 -14.33 -9.93
C LYS B 116 -19.76 -15.80 -10.33
N SER B 117 -20.59 -16.22 -11.26
CA SER B 117 -20.59 -17.61 -11.68
C SER B 117 -20.49 -17.72 -13.19
N TYR B 118 -19.97 -18.88 -13.62
CA TYR B 118 -19.85 -19.21 -15.04
C TYR B 118 -20.32 -20.66 -15.24
N ALA B 119 -21.28 -20.86 -16.15
CA ALA B 119 -21.71 -22.19 -16.54
C ALA B 119 -21.01 -22.57 -17.84
N ASN B 120 -20.37 -23.74 -17.86
CA ASN B 120 -19.74 -24.22 -19.09
C ASN B 120 -20.80 -24.68 -20.09
N ASN B 121 -21.05 -23.85 -21.11
CA ASN B 121 -22.01 -24.10 -22.17
C ASN B 121 -21.34 -24.63 -23.45
N LYS B 122 -20.11 -25.10 -23.36
CA LYS B 122 -19.38 -25.59 -24.52
C LYS B 122 -19.38 -27.12 -24.53
N GLU B 123 -18.83 -27.68 -25.61
CA GLU B 123 -18.56 -29.11 -25.63
C GLU B 123 -17.23 -29.44 -24.94
N LYS B 124 -16.31 -28.49 -24.87
CA LYS B 124 -14.96 -28.73 -24.33
C LYS B 124 -14.91 -28.45 -22.84
N GLU B 125 -14.00 -29.11 -22.14
CA GLU B 125 -13.81 -28.72 -20.76
C GLU B 125 -13.01 -27.42 -20.68
N VAL B 126 -13.20 -26.66 -19.60
CA VAL B 126 -12.65 -25.31 -19.48
C VAL B 126 -11.67 -25.26 -18.33
N LEU B 127 -10.43 -24.89 -18.62
CA LEU B 127 -9.41 -24.66 -17.59
C LEU B 127 -9.56 -23.23 -17.08
N VAL B 128 -9.87 -23.07 -15.78
CA VAL B 128 -10.07 -21.79 -15.10
C VAL B 128 -8.94 -21.59 -14.11
N LEU B 129 -8.29 -20.42 -14.15
CA LEU B 129 -7.22 -20.05 -13.22
C LEU B 129 -7.58 -18.76 -12.48
N TRP B 130 -7.12 -18.67 -11.22
CA TRP B 130 -7.32 -17.47 -10.41
C TRP B 130 -6.18 -17.35 -9.41
N GLY B 131 -6.21 -16.24 -8.66
CA GLY B 131 -5.21 -16.01 -7.63
C GLY B 131 -5.83 -15.54 -6.32
N VAL B 132 -5.07 -15.70 -5.24
CA VAL B 132 -5.43 -15.16 -3.93
C VAL B 132 -4.26 -14.35 -3.40
N HIS B 133 -4.51 -13.08 -3.11
CA HIS B 133 -3.47 -12.15 -2.65
C HIS B 133 -3.24 -12.30 -1.16
N HIS B 134 -1.98 -12.45 -0.77
N HIS B 134 -1.97 -12.47 -0.77
CA HIS B 134 -1.55 -12.47 0.63
CA HIS B 134 -1.55 -12.45 0.63
C HIS B 134 -0.71 -11.23 0.90
C HIS B 134 -0.71 -11.21 0.86
N PRO B 135 -1.27 -10.14 1.41
CA PRO B 135 -0.50 -8.90 1.60
C PRO B 135 0.53 -9.04 2.73
N PRO B 136 1.52 -8.14 2.77
CA PRO B 136 2.57 -8.26 3.78
C PRO B 136 2.20 -7.67 5.13
N ASN B 137 1.17 -6.83 5.20
CA ASN B 137 0.82 -6.22 6.46
C ASN B 137 -0.65 -5.82 6.47
N ILE B 138 -1.14 -5.44 7.64
N ILE B 138 -1.13 -5.44 7.66
CA ILE B 138 -2.55 -5.10 7.82
CA ILE B 138 -2.54 -5.08 7.88
C ILE B 138 -2.91 -3.81 7.10
C ILE B 138 -2.91 -3.82 7.12
N GLY B 139 -1.99 -2.85 7.04
CA GLY B 139 -2.27 -1.62 6.33
C GLY B 139 -2.61 -1.86 4.87
N ASP B 140 -1.81 -2.70 4.21
CA ASP B 140 -2.07 -3.01 2.80
C ASP B 140 -3.39 -3.78 2.63
N GLN B 141 -3.63 -4.75 3.51
CA GLN B 141 -4.90 -5.49 3.50
C GLN B 141 -6.09 -4.54 3.58
N ARG B 142 -6.06 -3.61 4.54
N ARG B 142 -6.06 -3.62 4.54
CA ARG B 142 -7.19 -2.69 4.70
CA ARG B 142 -7.17 -2.70 4.72
C ARG B 142 -7.29 -1.72 3.53
C ARG B 142 -7.28 -1.70 3.57
N ALA B 143 -6.15 -1.28 3.00
CA ALA B 143 -6.18 -0.25 1.95
C ALA B 143 -6.86 -0.78 0.69
N LEU B 144 -6.65 -2.07 0.37
CA LEU B 144 -7.26 -2.65 -0.84
C LEU B 144 -8.62 -3.24 -0.59
N TYR B 145 -8.86 -3.83 0.59
CA TYR B 145 -10.01 -4.71 0.79
C TYR B 145 -10.92 -4.31 1.94
N HIS B 146 -10.50 -3.34 2.80
CA HIS B 146 -11.40 -2.74 3.79
C HIS B 146 -11.91 -3.75 4.81
N THR B 147 -11.08 -4.75 5.14
CA THR B 147 -11.42 -5.72 6.18
C THR B 147 -10.17 -6.48 6.58
N GLU B 148 -10.16 -6.98 7.81
N GLU B 148 -10.17 -6.99 7.80
CA GLU B 148 -9.20 -8.01 8.19
CA GLU B 148 -9.22 -7.98 8.25
C GLU B 148 -9.92 -9.33 8.48
C GLU B 148 -9.86 -9.36 8.35
N ASN B 149 -11.12 -9.49 7.93
CA ASN B 149 -11.86 -10.74 7.96
C ASN B 149 -12.35 -11.10 6.55
N ALA B 150 -11.43 -11.21 5.61
CA ALA B 150 -11.71 -11.53 4.22
C ALA B 150 -11.56 -13.02 3.96
N TYR B 151 -12.41 -13.53 3.04
CA TYR B 151 -12.39 -14.92 2.63
C TYR B 151 -12.70 -14.97 1.13
N VAL B 152 -12.17 -16.02 0.49
CA VAL B 152 -12.47 -16.35 -0.90
C VAL B 152 -13.04 -17.76 -0.96
N SER B 153 -14.07 -17.97 -1.78
CA SER B 153 -14.68 -19.30 -1.97
C SER B 153 -14.79 -19.60 -3.46
N VAL B 154 -14.35 -20.79 -3.85
CA VAL B 154 -14.50 -21.24 -5.23
C VAL B 154 -15.14 -22.62 -5.19
N VAL B 155 -16.28 -22.80 -5.88
CA VAL B 155 -17.07 -24.03 -5.79
C VAL B 155 -17.57 -24.42 -7.18
N SER B 156 -17.32 -25.68 -7.54
CA SER B 156 -18.02 -26.29 -8.67
C SER B 156 -18.51 -27.66 -8.20
N SER B 157 -19.06 -28.48 -9.11
CA SER B 157 -19.42 -29.84 -8.71
C SER B 157 -18.19 -30.71 -8.40
N HIS B 158 -17.00 -30.35 -8.88
CA HIS B 158 -15.80 -31.17 -8.70
C HIS B 158 -14.67 -30.43 -7.99
N TYR B 159 -14.96 -29.27 -7.42
CA TYR B 159 -13.94 -28.47 -6.76
C TYR B 159 -14.63 -27.69 -5.65
N SER B 160 -14.02 -27.66 -4.46
CA SER B 160 -14.56 -26.79 -3.42
C SER B 160 -13.46 -26.39 -2.47
N ARG B 161 -13.14 -25.10 -2.41
CA ARG B 161 -12.10 -24.63 -1.49
C ARG B 161 -12.46 -23.26 -0.99
N LYS B 162 -12.27 -23.05 0.31
CA LYS B 162 -12.31 -21.72 0.92
C LYS B 162 -10.88 -21.32 1.23
N PHE B 163 -10.58 -20.05 1.03
CA PHE B 163 -9.22 -19.53 1.19
C PHE B 163 -9.30 -18.46 2.27
N THR B 164 -8.38 -18.56 3.24
CA THR B 164 -8.18 -17.54 4.27
C THR B 164 -6.86 -16.86 3.91
N PRO B 165 -6.90 -15.69 3.36
CA PRO B 165 -5.67 -15.04 2.91
C PRO B 165 -4.84 -14.55 4.10
N GLU B 166 -3.80 -15.30 4.44
N GLU B 166 -3.77 -15.26 4.46
CA GLU B 166 -2.93 -14.92 5.53
CA GLU B 166 -2.98 -14.94 5.65
C GLU B 166 -2.12 -13.68 5.15
C GLU B 166 -1.91 -13.91 5.35
N ILE B 167 -1.92 -12.82 6.12
CA ILE B 167 -0.99 -11.73 5.99
C ILE B 167 0.38 -12.22 6.47
N ALA B 168 1.43 -11.94 5.69
CA ALA B 168 2.77 -12.40 6.05
C ALA B 168 3.75 -11.54 5.28
N LYS B 169 4.75 -10.98 5.96
CA LYS B 169 5.80 -10.20 5.30
C LYS B 169 6.92 -11.17 4.94
N ARG B 170 7.01 -11.53 3.65
CA ARG B 170 7.97 -12.49 3.14
C ARG B 170 9.24 -11.77 2.67
N PRO B 171 10.32 -12.53 2.43
CA PRO B 171 11.50 -11.94 1.79
C PRO B 171 11.13 -11.31 0.45
N LYS B 172 11.80 -10.21 0.12
CA LYS B 172 11.49 -9.48 -1.10
C LYS B 172 11.90 -10.30 -2.32
N VAL B 173 10.94 -10.62 -3.18
CA VAL B 173 11.19 -11.30 -4.45
C VAL B 173 10.57 -10.43 -5.53
N ARG B 174 11.36 -10.06 -6.54
CA ARG B 174 10.94 -9.09 -7.54
C ARG B 174 10.31 -7.85 -6.91
N ASP B 175 10.92 -7.39 -5.80
CA ASP B 175 10.53 -6.20 -5.04
C ASP B 175 9.25 -6.34 -4.21
N GLN B 176 8.70 -7.55 -4.08
CA GLN B 176 7.45 -7.74 -3.37
C GLN B 176 7.67 -8.52 -2.08
N GLU B 177 7.12 -7.99 -0.98
CA GLU B 177 7.06 -8.69 0.29
C GLU B 177 5.77 -9.45 0.48
N GLY B 178 4.76 -9.15 -0.30
CA GLY B 178 3.56 -9.97 -0.37
C GLY B 178 3.67 -10.99 -1.48
N ARG B 179 2.56 -11.71 -1.68
CA ARG B 179 2.52 -12.86 -2.60
C ARG B 179 1.13 -12.96 -3.20
N ILE B 180 1.03 -13.52 -4.40
CA ILE B 180 -0.24 -13.99 -4.95
C ILE B 180 -0.07 -15.48 -5.24
N ASN B 181 -0.91 -16.31 -4.64
CA ASN B 181 -0.90 -17.75 -4.92
C ASN B 181 -1.88 -18.03 -6.04
N TYR B 182 -1.54 -18.98 -6.89
CA TYR B 182 -2.31 -19.30 -8.09
C TYR B 182 -2.96 -20.68 -7.97
N TYR B 183 -4.17 -20.79 -8.52
CA TYR B 183 -5.00 -21.99 -8.39
C TYR B 183 -5.71 -22.23 -9.71
N TRP B 184 -6.16 -23.47 -9.92
CA TRP B 184 -6.82 -23.80 -11.18
C TRP B 184 -7.72 -25.02 -10.98
N THR B 185 -8.73 -25.14 -11.86
CA THR B 185 -9.53 -26.36 -11.95
C THR B 185 -10.02 -26.53 -13.39
N LEU B 186 -10.47 -27.76 -13.70
CA LEU B 186 -11.04 -28.09 -15.01
C LEU B 186 -12.54 -28.21 -14.84
N LEU B 187 -13.29 -27.37 -15.55
CA LEU B 187 -14.75 -27.32 -15.43
C LEU B 187 -15.39 -28.04 -16.61
N GLU B 188 -16.15 -29.08 -16.33
CA GLU B 188 -16.66 -29.88 -17.44
C GLU B 188 -17.96 -29.28 -17.98
N PRO B 189 -18.36 -29.66 -19.21
CA PRO B 189 -19.59 -29.11 -19.76
C PRO B 189 -20.79 -29.44 -18.88
N GLY B 190 -21.65 -28.44 -18.69
CA GLY B 190 -22.80 -28.56 -17.83
C GLY B 190 -22.55 -28.20 -16.38
N ASP B 191 -21.29 -28.04 -15.96
CA ASP B 191 -20.98 -27.65 -14.59
C ASP B 191 -20.87 -26.14 -14.51
N THR B 192 -21.06 -25.59 -13.30
CA THR B 192 -20.95 -24.16 -13.00
C THR B 192 -19.92 -23.97 -11.91
N ILE B 193 -19.10 -22.95 -12.07
CA ILE B 193 -18.14 -22.54 -11.04
C ILE B 193 -18.60 -21.21 -10.48
N ILE B 194 -18.55 -21.08 -9.14
CA ILE B 194 -18.96 -19.86 -8.43
C ILE B 194 -17.80 -19.30 -7.63
N PHE B 195 -17.48 -18.02 -7.87
CA PHE B 195 -16.49 -17.27 -7.09
C PHE B 195 -17.23 -16.33 -6.15
N GLU B 196 -16.90 -16.40 -4.85
CA GLU B 196 -17.44 -15.44 -3.88
C GLU B 196 -16.30 -14.92 -3.01
N ALA B 197 -16.29 -13.60 -2.75
CA ALA B 197 -15.20 -13.07 -1.94
C ALA B 197 -15.60 -11.76 -1.30
N ASN B 198 -14.96 -11.46 -0.16
CA ASN B 198 -15.01 -10.11 0.42
C ASN B 198 -13.62 -9.49 0.51
N GLY B 199 -12.72 -9.92 -0.36
CA GLY B 199 -11.38 -9.39 -0.50
C GLY B 199 -10.49 -10.42 -1.15
N ASN B 200 -9.34 -9.94 -1.64
CA ASN B 200 -8.15 -10.77 -1.90
C ASN B 200 -8.22 -11.69 -3.12
N LEU B 201 -9.24 -11.57 -3.96
CA LEU B 201 -9.38 -12.42 -5.14
C LEU B 201 -8.77 -11.75 -6.35
N ILE B 202 -7.86 -12.46 -7.02
CA ILE B 202 -7.42 -12.12 -8.37
C ILE B 202 -8.29 -12.98 -9.31
N ALA B 203 -9.29 -12.34 -9.94
CA ALA B 203 -10.33 -13.11 -10.62
C ALA B 203 -9.89 -13.60 -12.00
N PRO B 204 -10.52 -14.67 -12.51
CA PRO B 204 -10.30 -15.02 -13.92
C PRO B 204 -10.73 -13.89 -14.85
N ARG B 205 -9.99 -13.72 -15.94
CA ARG B 205 -10.41 -12.89 -17.06
C ARG B 205 -10.50 -13.71 -18.33
N TYR B 206 -9.43 -14.42 -18.70
CA TYR B 206 -9.44 -15.38 -19.82
C TYR B 206 -9.23 -16.77 -19.25
N ALA B 207 -9.92 -17.74 -19.86
CA ALA B 207 -9.82 -19.15 -19.52
C ALA B 207 -9.57 -19.91 -20.82
N PHE B 208 -9.47 -21.25 -20.74
CA PHE B 208 -9.09 -22.04 -21.90
C PHE B 208 -10.04 -23.21 -22.09
N ALA B 209 -10.59 -23.35 -23.27
CA ALA B 209 -11.34 -24.55 -23.60
C ALA B 209 -10.43 -25.54 -24.33
N LEU B 210 -10.42 -26.78 -23.90
CA LEU B 210 -9.57 -27.73 -24.60
C LEU B 210 -10.29 -29.03 -24.87
N SER B 211 -9.89 -29.68 -25.96
CA SER B 211 -10.44 -30.98 -26.32
C SER B 211 -9.58 -32.00 -25.63
N ARG B 212 -10.09 -32.51 -24.53
CA ARG B 212 -9.44 -33.53 -23.76
C ARG B 212 -9.93 -34.88 -24.29
N GLY B 213 -9.01 -35.85 -24.33
CA GLY B 213 -9.33 -37.23 -24.65
C GLY B 213 -8.96 -37.67 -26.04
N PHE B 214 -8.57 -36.75 -26.91
CA PHE B 214 -8.31 -37.12 -28.29
C PHE B 214 -6.84 -37.39 -28.51
#